data_6QWT
#
_entry.id   6QWT
#
_cell.length_a   92.509
_cell.length_b   92.509
_cell.length_c   161.923
_cell.angle_alpha   90.00
_cell.angle_beta   90.00
_cell.angle_gamma   90.00
#
_symmetry.space_group_name_H-M   'P 42 21 2'
#
loop_
_entity.id
_entity.type
_entity.pdbx_description
1 polymer 'Genome polyprotein'
2 water water
#
_entity_poly.entity_id   1
_entity_poly.type   'polypeptide(L)'
_entity_poly.pdbx_seq_one_letter_code
;SEILACEPGGPPPHVPRRSKLVKSPAYGAFPVTKEPAVLSRHDRRTEADVDQVAFSAAGGGDIDEPWPSLIPAVKLYFSR
CNFPPLHTLTMLEAINGTPLLDGIDMNQSAGYPWCLTLNRRSLFDVGEDGLYHPCPELYQEIEACLHNPDYFYTTFLKDE
LRGVDKVAAAKTRLIEAAPIHAIIAGRMLFGGLFEAMHSQPGMYGSAVGCDPDYHWTPFYHSFLDYSEVWALDYSNFDST
IPSVVFKLIGEELAKIIQLPPSIPPDAVQKYVQSIYLSKHVFGDQWYIMKGGNPSGCVGTSILNSMVNNISLLSAMLTHP
DFDTSAWRILCYGDDVLYATVPSIHPSFIADFYHSQTNYKVTPADKASTFPETSSIHDVTFLKRHFVPDERFPTYIHPVI
SPETYQQSVMWTRGGPFQDVITSLCYLAHHAGPNNYQKWCDTVQAQCLKSGFEPIFIPYEVLQYRWLATVMT
;
_entity_poly.pdbx_strand_id   A
#
# COMPACT_ATOMS: atom_id res chain seq x y z
N SER A 1 -14.53 -4.91 -10.37
CA SER A 1 -15.56 -4.81 -9.35
C SER A 1 -16.94 -4.56 -9.97
N GLU A 2 -17.94 -4.42 -9.11
CA GLU A 2 -19.31 -4.19 -9.52
C GLU A 2 -19.87 -3.08 -8.64
N ILE A 3 -20.39 -2.03 -9.26
CA ILE A 3 -20.81 -0.84 -8.54
C ILE A 3 -22.33 -0.83 -8.43
N LEU A 4 -22.83 -0.67 -7.20
CA LEU A 4 -24.25 -0.77 -6.90
C LEU A 4 -24.74 0.53 -6.27
N ALA A 5 -26.06 0.69 -6.25
CA ALA A 5 -26.68 1.85 -5.63
C ALA A 5 -26.53 1.78 -4.11
N CYS A 6 -26.56 2.94 -3.48
CA CYS A 6 -26.36 3.03 -2.04
C CYS A 6 -27.13 4.22 -1.47
N GLU A 7 -27.73 4.02 -0.31
CA GLU A 7 -28.44 5.11 0.35
C GLU A 7 -27.44 6.13 0.90
N PRO A 8 -27.71 7.43 0.73
CA PRO A 8 -26.81 8.44 1.29
C PRO A 8 -26.79 8.40 2.80
N GLY A 9 -25.67 8.81 3.38
CA GLY A 9 -25.48 8.72 4.81
C GLY A 9 -25.54 10.04 5.54
N GLY A 10 -25.78 11.13 4.81
CA GLY A 10 -25.85 12.44 5.40
C GLY A 10 -25.37 13.51 4.45
N PRO A 11 -24.89 14.63 4.99
CA PRO A 11 -24.34 15.69 4.14
C PRO A 11 -23.12 15.21 3.40
N PRO A 12 -23.01 15.50 2.11
CA PRO A 12 -21.88 15.00 1.32
C PRO A 12 -20.61 15.78 1.62
N PRO A 13 -19.45 15.14 1.54
CA PRO A 13 -18.18 15.87 1.66
C PRO A 13 -17.77 16.49 0.32
N HIS A 14 -16.72 17.30 0.38
CA HIS A 14 -16.22 18.00 -0.79
C HIS A 14 -14.95 17.34 -1.31
N VAL A 15 -14.88 17.16 -2.62
CA VAL A 15 -13.70 16.60 -3.28
C VAL A 15 -12.78 17.75 -3.67
N PRO A 16 -11.60 17.87 -3.07
CA PRO A 16 -10.69 18.97 -3.44
C PRO A 16 -10.32 18.90 -4.91
N ARG A 17 -10.44 20.05 -5.60
CA ARG A 17 -10.16 20.14 -7.03
C ARG A 17 -8.90 20.93 -7.33
N ARG A 18 -8.22 21.46 -6.32
CA ARG A 18 -6.97 22.18 -6.49
C ARG A 18 -5.85 21.40 -5.80
N SER A 19 -4.71 21.30 -6.48
CA SER A 19 -3.57 20.57 -5.95
C SER A 19 -2.83 21.40 -4.91
N LYS A 20 -2.34 20.71 -3.87
CA LYS A 20 -1.47 21.33 -2.88
C LYS A 20 -0.01 21.36 -3.33
N LEU A 21 0.31 20.73 -4.46
CA LEU A 21 1.68 20.68 -4.94
C LEU A 21 1.97 21.92 -5.77
N VAL A 22 2.97 22.69 -5.34
CA VAL A 22 3.39 23.89 -6.05
C VAL A 22 4.89 23.77 -6.33
N LYS A 23 5.34 24.53 -7.34
CA LYS A 23 6.74 24.47 -7.74
C LYS A 23 7.65 24.89 -6.59
N SER A 24 8.72 24.14 -6.41
CA SER A 24 9.68 24.36 -5.33
C SER A 24 10.81 25.25 -5.80
N PRO A 25 11.65 25.76 -4.88
CA PRO A 25 12.82 26.53 -5.31
C PRO A 25 13.80 25.77 -6.18
N ALA A 26 13.64 24.45 -6.32
CA ALA A 26 14.52 23.64 -7.16
C ALA A 26 13.86 23.21 -8.46
N TYR A 27 12.77 23.88 -8.86
CA TYR A 27 11.92 23.38 -9.94
C TYR A 27 12.66 23.24 -11.27
N GLY A 28 13.64 24.09 -11.55
CA GLY A 28 14.28 23.88 -12.84
C GLY A 28 15.42 22.88 -12.89
N ALA A 29 15.70 22.16 -11.79
CA ALA A 29 16.96 21.42 -11.66
C ALA A 29 17.08 20.31 -12.70
N PHE A 30 16.02 19.55 -12.92
CA PHE A 30 16.02 18.41 -13.83
C PHE A 30 14.92 18.57 -14.86
N PRO A 31 15.03 17.89 -16.00
CA PRO A 31 13.92 17.89 -16.97
C PRO A 31 12.65 17.36 -16.32
N VAL A 32 11.57 18.13 -16.48
CA VAL A 32 10.31 17.81 -15.81
C VAL A 32 9.63 16.67 -16.56
N THR A 33 9.63 15.48 -15.95
CA THR A 33 8.91 14.32 -16.48
C THR A 33 7.68 13.98 -15.66
N LYS A 34 7.40 14.73 -14.59
CA LYS A 34 6.25 14.48 -13.74
C LYS A 34 5.61 15.81 -13.35
N GLU A 35 4.30 15.77 -13.15
CA GLU A 35 3.52 16.92 -12.76
C GLU A 35 2.40 16.47 -11.83
N PRO A 36 1.81 17.38 -11.05
CA PRO A 36 0.69 16.99 -10.19
C PRO A 36 -0.46 16.41 -11.00
N ALA A 37 -1.09 15.38 -10.45
CA ALA A 37 -2.17 14.70 -11.14
C ALA A 37 -3.33 15.65 -11.40
N VAL A 38 -4.09 15.35 -12.46
CA VAL A 38 -5.28 16.12 -12.79
C VAL A 38 -6.32 15.93 -11.69
N LEU A 39 -6.74 17.02 -11.06
CA LEU A 39 -7.81 16.95 -10.08
C LEU A 39 -9.10 17.60 -10.53
N SER A 40 -9.04 18.54 -11.48
CA SER A 40 -10.21 19.30 -11.91
C SER A 40 -10.74 18.76 -13.23
N ARG A 41 -12.07 18.77 -13.39
CA ARG A 41 -12.68 18.40 -14.65
C ARG A 41 -12.43 19.43 -15.74
N HIS A 42 -11.88 20.60 -15.40
CA HIS A 42 -11.59 21.65 -16.35
C HIS A 42 -10.08 21.87 -16.55
N ASP A 43 -9.25 20.87 -16.18
CA ASP A 43 -7.81 21.01 -16.32
C ASP A 43 -7.43 21.17 -17.79
N ARG A 44 -6.67 22.23 -18.09
CA ARG A 44 -6.27 22.50 -19.47
C ARG A 44 -5.22 21.54 -19.98
N ARG A 45 -4.53 20.82 -19.09
CA ARG A 45 -3.49 19.88 -19.52
C ARG A 45 -4.06 18.60 -20.12
N THR A 46 -5.37 18.37 -20.02
CA THR A 46 -5.98 17.15 -20.53
C THR A 46 -7.26 17.49 -21.29
N GLU A 47 -7.58 16.65 -22.26
CA GLU A 47 -8.85 16.72 -22.98
C GLU A 47 -9.89 15.77 -22.42
N ALA A 48 -9.52 14.95 -21.45
CA ALA A 48 -10.41 13.95 -20.88
C ALA A 48 -11.09 14.47 -19.62
N ASP A 49 -12.08 13.70 -19.15
CA ASP A 49 -12.80 13.98 -17.92
C ASP A 49 -12.24 13.09 -16.82
N VAL A 50 -11.65 13.72 -15.79
CA VAL A 50 -10.91 12.96 -14.79
C VAL A 50 -11.85 12.09 -13.96
N ASP A 51 -13.04 12.60 -13.62
CA ASP A 51 -13.99 11.80 -12.88
C ASP A 51 -14.41 10.55 -13.66
N GLN A 52 -14.39 10.63 -14.99
CA GLN A 52 -14.70 9.48 -15.83
C GLN A 52 -13.51 8.52 -15.92
N VAL A 53 -12.32 9.07 -16.15
CA VAL A 53 -11.13 8.22 -16.28
C VAL A 53 -10.78 7.55 -14.96
N ALA A 54 -10.91 8.29 -13.84
CA ALA A 54 -10.52 7.74 -12.55
C ALA A 54 -11.37 6.54 -12.15
N PHE A 55 -12.61 6.45 -12.64
CA PHE A 55 -13.49 5.35 -12.33
C PHE A 55 -13.67 4.39 -13.50
N SER A 56 -12.86 4.52 -14.55
CA SER A 56 -13.09 3.73 -15.76
C SER A 56 -12.74 2.26 -15.55
N ALA A 57 -11.81 1.95 -14.66
CA ALA A 57 -11.46 0.56 -14.40
C ALA A 57 -12.38 -0.11 -13.41
N ALA A 58 -13.25 0.64 -12.75
CA ALA A 58 -14.25 0.05 -11.86
C ALA A 58 -15.48 -0.38 -12.66
N GLY A 59 -16.28 -1.25 -12.06
CA GLY A 59 -17.48 -1.73 -12.71
C GLY A 59 -17.26 -2.72 -13.83
N GLY A 60 -16.05 -3.26 -13.99
CA GLY A 60 -15.81 -4.25 -15.02
C GLY A 60 -16.33 -5.64 -14.71
N GLY A 61 -16.85 -5.85 -13.50
CA GLY A 61 -17.36 -7.15 -13.11
C GLY A 61 -16.71 -7.70 -11.87
N ASP A 62 -17.43 -8.55 -11.14
CA ASP A 62 -16.93 -9.20 -9.94
C ASP A 62 -17.08 -10.71 -10.10
N ILE A 63 -16.18 -11.46 -9.46
CA ILE A 63 -16.21 -12.91 -9.50
C ILE A 63 -16.65 -13.41 -8.14
N ASP A 64 -17.74 -14.20 -8.12
CA ASP A 64 -18.32 -14.72 -6.90
C ASP A 64 -17.97 -16.17 -6.64
N GLU A 65 -17.64 -16.94 -7.67
CA GLU A 65 -17.37 -18.35 -7.48
C GLU A 65 -15.88 -18.63 -7.63
N PRO A 66 -15.33 -19.53 -6.82
CA PRO A 66 -13.89 -19.82 -6.91
C PRO A 66 -13.55 -20.58 -8.18
N TRP A 67 -12.42 -20.22 -8.78
CA TRP A 67 -11.89 -21.02 -9.87
C TRP A 67 -11.23 -22.27 -9.31
N PRO A 68 -11.07 -23.31 -10.13
CA PRO A 68 -10.69 -24.63 -9.59
C PRO A 68 -9.46 -24.64 -8.69
N SER A 69 -8.48 -23.77 -8.93
CA SER A 69 -7.25 -23.75 -8.15
C SER A 69 -7.28 -22.75 -7.00
N LEU A 70 -8.41 -22.05 -6.80
CA LEU A 70 -8.44 -20.99 -5.79
C LEU A 70 -8.45 -21.55 -4.38
N ILE A 71 -9.39 -22.45 -4.08
CA ILE A 71 -9.44 -23.07 -2.76
C ILE A 71 -8.14 -23.80 -2.42
N PRO A 72 -7.55 -24.60 -3.32
CA PRO A 72 -6.22 -25.16 -3.01
C PRO A 72 -5.18 -24.11 -2.70
N ALA A 73 -5.21 -22.96 -3.39
CA ALA A 73 -4.25 -21.90 -3.11
C ALA A 73 -4.45 -21.32 -1.71
N VAL A 74 -5.71 -21.17 -1.30
CA VAL A 74 -6.00 -20.71 0.06
C VAL A 74 -5.38 -21.64 1.09
N LYS A 75 -5.62 -22.96 0.92
CA LYS A 75 -5.07 -23.93 1.86
C LYS A 75 -3.55 -23.91 1.84
N LEU A 76 -2.96 -23.80 0.64
CA LEU A 76 -1.51 -23.80 0.53
C LEU A 76 -0.89 -22.61 1.26
N TYR A 77 -1.45 -21.41 1.06
CA TYR A 77 -0.90 -20.22 1.69
C TYR A 77 -1.00 -20.31 3.21
N PHE A 78 -2.18 -20.63 3.74
CA PHE A 78 -2.33 -20.72 5.18
C PHE A 78 -1.58 -21.90 5.78
N SER A 79 -1.33 -22.95 4.99
CA SER A 79 -0.49 -24.04 5.46
C SER A 79 0.93 -23.56 5.74
N ARG A 80 1.49 -22.79 4.82
CA ARG A 80 2.83 -22.25 5.02
C ARG A 80 2.86 -21.21 6.13
N CYS A 81 1.83 -20.36 6.20
CA CYS A 81 1.78 -19.36 7.26
C CYS A 81 1.88 -20.00 8.64
N ASN A 82 1.11 -21.07 8.86
CA ASN A 82 1.12 -21.81 10.13
C ASN A 82 0.86 -20.89 11.31
N PHE A 83 -0.17 -20.07 11.19
CA PHE A 83 -0.54 -19.16 12.26
C PHE A 83 -0.98 -19.95 13.50
N PRO A 84 -0.51 -19.61 14.69
CA PRO A 84 -1.11 -20.14 15.91
C PRO A 84 -2.43 -19.43 16.18
N PRO A 85 -3.18 -19.84 17.20
CA PRO A 85 -4.37 -19.07 17.57
C PRO A 85 -4.01 -17.61 17.86
N LEU A 86 -4.73 -16.70 17.21
CA LEU A 86 -4.53 -15.27 17.39
C LEU A 86 -5.70 -14.68 18.18
N HIS A 87 -5.45 -13.52 18.78
CA HIS A 87 -6.42 -12.88 19.66
C HIS A 87 -6.69 -11.46 19.18
N THR A 88 -7.71 -10.86 19.78
CA THR A 88 -8.08 -9.48 19.48
C THR A 88 -7.36 -8.53 20.43
N LEU A 89 -7.18 -7.30 19.97
CA LEU A 89 -6.63 -6.24 20.80
C LEU A 89 -7.75 -5.55 21.56
N THR A 90 -7.42 -5.11 22.78
CA THR A 90 -8.34 -4.25 23.51
C THR A 90 -8.51 -2.92 22.76
N MET A 91 -9.60 -2.22 23.08
CA MET A 91 -9.85 -0.94 22.42
C MET A 91 -8.74 0.06 22.70
N LEU A 92 -8.22 0.06 23.94
CA LEU A 92 -7.15 0.97 24.29
C LEU A 92 -5.85 0.59 23.58
N GLU A 93 -5.59 -0.72 23.44
CA GLU A 93 -4.41 -1.15 22.69
C GLU A 93 -4.53 -0.78 21.22
N ALA A 94 -5.73 -0.93 20.65
CA ALA A 94 -5.92 -0.57 19.25
C ALA A 94 -5.71 0.92 19.01
N ILE A 95 -5.98 1.74 20.02
CA ILE A 95 -5.80 3.18 19.88
C ILE A 95 -4.35 3.57 20.11
N ASN A 96 -3.76 3.11 21.22
CA ASN A 96 -2.46 3.57 21.66
C ASN A 96 -1.29 2.68 21.25
N GLY A 97 -1.55 1.42 20.91
CA GLY A 97 -0.52 0.55 20.41
C GLY A 97 -0.07 -0.49 21.43
N THR A 98 0.80 -1.38 20.96
CA THR A 98 1.38 -2.45 21.76
C THR A 98 2.88 -2.51 21.47
N PRO A 99 3.65 -3.35 22.17
CA PRO A 99 5.07 -3.49 21.81
C PRO A 99 5.30 -3.91 20.36
N LEU A 100 4.29 -4.43 19.66
CA LEU A 100 4.47 -4.92 18.30
C LEU A 100 3.71 -4.10 17.26
N LEU A 101 2.98 -3.07 17.66
CA LEU A 101 2.16 -2.30 16.73
C LEU A 101 1.98 -0.89 17.26
N ASP A 102 2.28 0.10 16.42
CA ASP A 102 2.17 1.49 16.83
C ASP A 102 0.72 1.92 16.90
N GLY A 103 0.47 2.95 17.71
CA GLY A 103 -0.85 3.52 17.82
C GLY A 103 -1.27 4.24 16.55
N ILE A 104 -2.50 4.76 16.58
CA ILE A 104 -3.06 5.41 15.40
C ILE A 104 -2.39 6.77 15.18
N ASP A 105 -2.39 7.22 13.94
CA ASP A 105 -1.91 8.55 13.58
C ASP A 105 -3.00 9.56 13.89
N MET A 106 -2.77 10.40 14.90
CA MET A 106 -3.78 11.38 15.30
C MET A 106 -3.93 12.52 14.29
N ASN A 107 -3.03 12.62 13.31
CA ASN A 107 -3.08 13.69 12.34
C ASN A 107 -3.82 13.32 11.06
N GLN A 108 -4.20 12.05 10.90
CA GLN A 108 -4.95 11.65 9.72
C GLN A 108 -6.42 12.02 9.88
N SER A 109 -7.15 11.94 8.76
CA SER A 109 -8.56 12.31 8.76
C SER A 109 -9.37 11.39 9.67
N ALA A 110 -10.43 11.94 10.25
CA ALA A 110 -11.32 11.14 11.08
C ALA A 110 -12.35 10.37 10.26
N GLY A 111 -12.48 10.67 8.97
CA GLY A 111 -13.41 9.96 8.12
C GLY A 111 -14.85 10.38 8.33
N TYR A 112 -15.72 9.81 7.50
CA TYR A 112 -17.13 10.16 7.50
C TYR A 112 -17.87 9.45 8.63
N PRO A 113 -18.76 10.13 9.36
CA PRO A 113 -19.12 11.54 9.16
C PRO A 113 -18.33 12.53 10.01
N TRP A 114 -17.36 12.04 10.79
CA TRP A 114 -16.61 12.91 11.68
C TRP A 114 -15.89 14.01 10.92
N CYS A 115 -15.28 13.68 9.78
CA CYS A 115 -14.44 14.61 9.02
C CYS A 115 -15.23 15.78 8.46
N LEU A 116 -16.51 15.87 8.82
CA LEU A 116 -17.37 16.97 8.41
C LEU A 116 -17.25 18.17 9.34
N THR A 117 -17.05 17.93 10.64
CA THR A 117 -17.00 19.01 11.62
C THR A 117 -15.88 18.82 12.64
N LEU A 118 -15.01 17.83 12.47
CA LEU A 118 -14.16 17.38 13.56
C LEU A 118 -12.93 16.66 13.00
N ASN A 119 -11.80 16.84 13.67
CA ASN A 119 -10.60 16.11 13.33
C ASN A 119 -10.40 14.94 14.30
N ARG A 120 -9.33 14.18 14.08
CA ARG A 120 -9.14 12.95 14.85
C ARG A 120 -8.83 13.24 16.31
N ARG A 121 -7.93 14.19 16.56
CA ARG A 121 -7.50 14.47 17.93
C ARG A 121 -8.65 14.91 18.83
N SER A 122 -9.66 15.57 18.25
CA SER A 122 -10.77 16.07 19.05
C SER A 122 -11.59 14.97 19.70
N LEU A 123 -11.57 13.76 19.15
CA LEU A 123 -12.41 12.67 19.63
C LEU A 123 -11.80 11.89 20.78
N PHE A 124 -10.61 12.28 21.26
CA PHE A 124 -9.93 11.53 22.32
C PHE A 124 -9.57 12.45 23.48
N ASP A 125 -9.60 11.89 24.68
CA ASP A 125 -9.15 12.56 25.89
C ASP A 125 -7.97 11.79 26.47
N VAL A 126 -6.96 12.52 26.93
CA VAL A 126 -5.77 11.89 27.53
C VAL A 126 -6.10 11.53 28.97
N GLY A 127 -6.15 10.23 29.26
CA GLY A 127 -6.46 9.77 30.59
C GLY A 127 -5.28 9.91 31.55
N GLU A 128 -5.59 9.72 32.83
CA GLU A 128 -4.56 9.78 33.87
C GLU A 128 -3.50 8.71 33.67
N ASP A 129 -3.87 7.59 33.02
CA ASP A 129 -2.91 6.55 32.67
C ASP A 129 -1.90 7.02 31.64
N GLY A 130 -2.11 8.17 31.01
CA GLY A 130 -1.22 8.65 29.98
C GLY A 130 -1.56 8.21 28.58
N LEU A 131 -2.70 7.55 28.38
CA LEU A 131 -3.10 7.02 27.08
C LEU A 131 -4.32 7.78 26.56
N TYR A 132 -4.63 7.53 25.30
CA TYR A 132 -5.79 8.13 24.65
C TYR A 132 -7.02 7.29 24.90
N HIS A 133 -8.10 7.94 25.32
CA HIS A 133 -9.38 7.29 25.50
C HIS A 133 -10.42 7.90 24.56
N PRO A 134 -11.29 7.09 23.97
CA PRO A 134 -12.33 7.66 23.10
C PRO A 134 -13.37 8.43 23.90
N CYS A 135 -13.86 9.51 23.30
CA CYS A 135 -14.99 10.23 23.89
C CYS A 135 -16.22 9.32 23.90
N PRO A 136 -17.21 9.60 24.75
CA PRO A 136 -18.38 8.71 24.84
C PRO A 136 -19.06 8.47 23.50
N GLU A 137 -18.96 9.40 22.55
CA GLU A 137 -19.60 9.21 21.25
C GLU A 137 -18.79 8.32 20.33
N LEU A 138 -17.45 8.46 20.36
CA LEU A 138 -16.62 7.57 19.55
C LEU A 138 -16.66 6.14 20.07
N TYR A 139 -16.58 5.97 21.40
CA TYR A 139 -16.65 4.64 21.99
C TYR A 139 -17.90 3.90 21.54
N GLN A 140 -19.03 4.59 21.51
CA GLN A 140 -20.30 3.96 21.14
C GLN A 140 -20.33 3.61 19.66
N GLU A 141 -19.66 4.39 18.82
CA GLU A 141 -19.62 4.07 17.40
C GLU A 141 -18.70 2.88 17.14
N ILE A 142 -17.58 2.79 17.86
CA ILE A 142 -16.72 1.61 17.76
C ILE A 142 -17.48 0.36 18.16
N GLU A 143 -18.24 0.45 19.26
CA GLU A 143 -19.01 -0.69 19.73
C GLU A 143 -20.06 -1.09 18.70
N ALA A 144 -20.80 -0.12 18.17
CA ALA A 144 -21.81 -0.41 17.15
C ALA A 144 -21.20 -1.00 15.90
N CYS A 145 -19.97 -0.59 15.56
CA CYS A 145 -19.30 -1.14 14.39
C CYS A 145 -18.92 -2.60 14.60
N LEU A 146 -18.56 -2.97 15.83
CA LEU A 146 -18.21 -4.36 16.11
C LEU A 146 -19.40 -5.29 15.97
N HIS A 147 -20.62 -4.78 16.17
CA HIS A 147 -21.82 -5.59 16.02
C HIS A 147 -22.44 -5.47 14.64
N ASN A 148 -22.14 -4.40 13.91
CA ASN A 148 -22.70 -4.18 12.58
C ASN A 148 -21.78 -3.22 11.83
N PRO A 149 -20.76 -3.74 11.11
CA PRO A 149 -19.80 -2.85 10.44
C PRO A 149 -20.40 -2.12 9.26
N ASP A 150 -21.17 -1.07 9.53
CA ASP A 150 -21.90 -0.29 8.52
C ASP A 150 -21.30 1.11 8.49
N TYR A 151 -20.46 1.39 7.50
CA TYR A 151 -19.72 2.64 7.48
C TYR A 151 -19.36 2.99 6.04
N PHE A 152 -18.93 4.23 5.85
CA PHE A 152 -18.62 4.80 4.54
C PHE A 152 -17.13 5.05 4.40
N TYR A 153 -16.56 4.67 3.27
CA TYR A 153 -15.26 5.17 2.85
C TYR A 153 -15.44 6.52 2.15
N THR A 154 -14.62 7.49 2.51
CA THR A 154 -14.56 8.75 1.77
C THR A 154 -13.59 8.60 0.61
N THR A 155 -14.06 8.91 -0.60
CA THR A 155 -13.27 8.73 -1.82
C THR A 155 -12.85 10.09 -2.36
N PHE A 156 -11.56 10.22 -2.69
CA PHE A 156 -11.01 11.43 -3.27
C PHE A 156 -10.09 11.08 -4.42
N LEU A 157 -9.80 12.08 -5.26
CA LEU A 157 -8.75 11.97 -6.24
C LEU A 157 -7.40 12.19 -5.55
N LYS A 158 -6.46 11.30 -5.78
CA LYS A 158 -5.19 11.34 -5.06
C LYS A 158 -4.31 12.44 -5.63
N ASP A 159 -4.02 13.44 -4.79
CA ASP A 159 -3.16 14.57 -5.15
C ASP A 159 -1.71 14.12 -5.03
N GLU A 160 -1.05 13.90 -6.18
CA GLU A 160 0.29 13.35 -6.19
C GLU A 160 0.94 13.63 -7.54
N LEU A 161 2.27 13.53 -7.57
CA LEU A 161 3.00 13.65 -8.83
C LEU A 161 2.73 12.44 -9.72
N ARG A 162 2.53 12.69 -11.02
CA ARG A 162 2.31 11.63 -11.99
C ARG A 162 3.12 11.92 -13.24
N GLY A 163 3.44 10.85 -13.97
CA GLY A 163 4.09 11.02 -15.26
C GLY A 163 3.26 11.92 -16.18
N VAL A 164 3.97 12.67 -17.03
CA VAL A 164 3.29 13.64 -17.89
C VAL A 164 2.33 12.96 -18.84
N ASP A 165 2.58 11.70 -19.17
CA ASP A 165 1.62 10.96 -19.99
C ASP A 165 0.32 10.70 -19.24
N LYS A 166 0.42 10.33 -17.95
CA LYS A 166 -0.77 10.09 -17.16
C LYS A 166 -1.53 11.38 -16.87
N VAL A 167 -0.82 12.52 -16.81
CA VAL A 167 -1.49 13.80 -16.68
C VAL A 167 -2.34 14.09 -17.92
N ALA A 168 -1.73 13.93 -19.10
CA ALA A 168 -2.44 14.22 -20.35
C ALA A 168 -3.65 13.32 -20.55
N ALA A 169 -3.61 12.11 -20.00
CA ALA A 169 -4.72 11.17 -20.10
C ALA A 169 -5.69 11.27 -18.92
N ALA A 170 -5.41 12.15 -17.95
CA ALA A 170 -6.24 12.31 -16.76
C ALA A 170 -6.33 11.04 -15.93
N LYS A 171 -5.29 10.20 -15.99
CA LYS A 171 -5.23 8.94 -15.23
C LYS A 171 -4.69 9.24 -13.83
N THR A 172 -5.59 9.69 -12.96
CA THR A 172 -5.24 9.96 -11.58
C THR A 172 -5.91 8.94 -10.67
N ARG A 173 -5.19 8.50 -9.65
CA ARG A 173 -5.64 7.42 -8.79
C ARG A 173 -6.63 7.94 -7.75
N LEU A 174 -7.29 7.01 -7.08
CA LEU A 174 -8.21 7.31 -5.99
C LEU A 174 -7.55 7.02 -4.66
N ILE A 175 -7.86 7.83 -3.66
CA ILE A 175 -7.46 7.59 -2.29
C ILE A 175 -8.72 7.56 -1.44
N GLU A 176 -8.89 6.48 -0.67
CA GLU A 176 -10.11 6.24 0.09
C GLU A 176 -9.75 6.02 1.55
N ALA A 177 -10.46 6.69 2.44
CA ALA A 177 -10.17 6.64 3.87
C ALA A 177 -11.38 6.11 4.63
N ALA A 178 -11.14 5.12 5.48
CA ALA A 178 -12.18 4.60 6.35
C ALA A 178 -12.37 5.51 7.56
N PRO A 179 -13.55 5.49 8.18
CA PRO A 179 -13.76 6.32 9.37
C PRO A 179 -13.04 5.77 10.59
N ILE A 180 -12.82 6.66 11.56
CA ILE A 180 -11.98 6.33 12.71
C ILE A 180 -12.59 5.20 13.53
N HIS A 181 -13.92 5.15 13.65
CA HIS A 181 -14.54 4.09 14.44
C HIS A 181 -14.45 2.75 13.73
N ALA A 182 -14.46 2.74 12.39
CA ALA A 182 -14.25 1.49 11.66
C ALA A 182 -12.79 1.05 11.73
N ILE A 183 -11.86 2.00 11.82
CA ILE A 183 -10.45 1.65 11.89
C ILE A 183 -10.12 1.03 13.23
N ILE A 184 -10.63 1.61 14.32
CA ILE A 184 -10.36 1.09 15.65
C ILE A 184 -10.99 -0.28 15.83
N ALA A 185 -12.22 -0.47 15.33
CA ALA A 185 -12.84 -1.79 15.38
C ALA A 185 -12.03 -2.81 14.58
N GLY A 186 -11.50 -2.39 13.42
CA GLY A 186 -10.69 -3.30 12.63
C GLY A 186 -9.37 -3.63 13.29
N ARG A 187 -8.74 -2.64 13.94
CA ARG A 187 -7.52 -2.92 14.68
C ARG A 187 -7.79 -3.76 15.92
N MET A 188 -9.03 -3.78 16.41
CA MET A 188 -9.36 -4.70 17.50
C MET A 188 -9.47 -6.13 17.00
N LEU A 189 -10.28 -6.34 15.95
CA LEU A 189 -10.54 -7.68 15.46
C LEU A 189 -9.29 -8.32 14.87
N PHE A 190 -8.53 -7.56 14.09
CA PHE A 190 -7.40 -8.09 13.33
C PHE A 190 -6.05 -7.64 13.89
N GLY A 191 -6.03 -6.98 15.05
CA GLY A 191 -4.78 -6.48 15.59
C GLY A 191 -3.79 -7.58 15.93
N GLY A 192 -4.30 -8.72 16.40
CA GLY A 192 -3.42 -9.86 16.63
C GLY A 192 -2.76 -10.34 15.34
N LEU A 193 -3.52 -10.37 14.25
CA LEU A 193 -2.92 -10.68 12.95
C LEU A 193 -1.95 -9.60 12.52
N PHE A 194 -2.31 -8.33 12.68
CA PHE A 194 -1.42 -7.24 12.31
C PHE A 194 -0.13 -7.28 13.09
N GLU A 195 -0.22 -7.56 14.39
CA GLU A 195 0.99 -7.71 15.21
C GLU A 195 1.90 -8.78 14.64
N ALA A 196 1.34 -9.95 14.31
CA ALA A 196 2.16 -11.07 13.86
C ALA A 196 2.84 -10.77 12.54
N MET A 197 2.17 -10.04 11.64
CA MET A 197 2.70 -9.81 10.30
C MET A 197 3.53 -8.54 10.21
N HIS A 198 3.00 -7.42 10.74
CA HIS A 198 3.70 -6.14 10.66
C HIS A 198 5.05 -6.19 11.38
N SER A 199 5.15 -6.94 12.47
CA SER A 199 6.40 -7.05 13.22
C SER A 199 7.38 -8.04 12.61
N GLN A 200 7.00 -8.75 11.55
CA GLN A 200 7.88 -9.71 10.89
C GLN A 200 7.76 -9.60 9.38
N PRO A 201 8.11 -8.44 8.81
CA PRO A 201 8.01 -8.29 7.36
C PRO A 201 8.99 -9.21 6.65
N GLY A 202 8.53 -9.81 5.56
CA GLY A 202 9.21 -10.90 4.90
C GLY A 202 8.57 -12.25 5.15
N MET A 203 7.94 -12.42 6.31
CA MET A 203 7.17 -13.63 6.60
C MET A 203 5.76 -13.50 6.03
N TYR A 204 5.11 -14.66 5.87
CA TYR A 204 3.73 -14.73 5.38
C TYR A 204 3.58 -14.10 4.00
N GLY A 205 4.67 -14.06 3.24
CA GLY A 205 4.63 -13.51 1.90
C GLY A 205 4.31 -12.04 1.83
N SER A 206 4.49 -11.30 2.92
CA SER A 206 4.12 -9.90 2.99
C SER A 206 5.30 -9.05 3.44
N ALA A 207 5.49 -7.93 2.75
CA ALA A 207 6.51 -6.96 3.10
C ALA A 207 5.95 -5.75 3.84
N VAL A 208 4.65 -5.78 4.19
CA VAL A 208 4.03 -4.66 4.88
C VAL A 208 4.69 -4.46 6.24
N GLY A 209 5.02 -3.21 6.57
CA GLY A 209 5.72 -2.89 7.78
C GLY A 209 7.23 -2.90 7.66
N CYS A 210 7.75 -3.10 6.46
CA CYS A 210 9.19 -3.18 6.28
C CYS A 210 9.82 -1.80 6.31
N ASP A 211 11.09 -1.77 6.72
CA ASP A 211 11.94 -0.58 6.63
C ASP A 211 12.99 -0.87 5.57
N PRO A 212 12.87 -0.30 4.37
CA PRO A 212 13.77 -0.68 3.27
C PRO A 212 15.25 -0.62 3.63
N ASP A 213 15.66 0.37 4.42
CA ASP A 213 17.06 0.45 4.84
C ASP A 213 17.50 -0.83 5.56
N TYR A 214 16.62 -1.39 6.38
CA TYR A 214 16.96 -2.57 7.17
C TYR A 214 16.61 -3.88 6.46
N HIS A 215 15.41 -3.96 5.90
CA HIS A 215 14.89 -5.24 5.45
C HIS A 215 15.36 -5.64 4.05
N TRP A 216 15.97 -4.72 3.30
CA TRP A 216 16.47 -5.10 1.98
C TRP A 216 17.53 -6.18 2.08
N THR A 217 18.24 -6.30 3.21
CA THR A 217 19.23 -7.38 3.35
C THR A 217 18.56 -8.74 3.52
N PRO A 218 17.67 -8.96 4.50
CA PRO A 218 17.02 -10.28 4.57
C PRO A 218 16.10 -10.55 3.39
N PHE A 219 15.45 -9.54 2.82
CA PHE A 219 14.68 -9.74 1.60
C PHE A 219 15.56 -10.31 0.49
N TYR A 220 16.74 -9.71 0.30
CA TYR A 220 17.68 -10.15 -0.74
C TYR A 220 18.11 -11.60 -0.52
N HIS A 221 18.57 -11.92 0.70
CA HIS A 221 19.09 -13.26 0.96
C HIS A 221 17.99 -14.31 0.99
N SER A 222 16.73 -13.92 1.17
CA SER A 222 15.65 -14.90 1.16
C SER A 222 15.43 -15.47 -0.24
N PHE A 223 15.78 -14.72 -1.28
CA PHE A 223 15.65 -15.17 -2.66
C PHE A 223 16.94 -15.78 -3.20
N LEU A 224 17.76 -16.40 -2.34
CA LEU A 224 19.05 -16.88 -2.78
C LEU A 224 19.03 -18.32 -3.27
N ASP A 225 18.08 -19.15 -2.83
CA ASP A 225 17.96 -20.49 -3.40
C ASP A 225 17.49 -20.47 -4.86
N TYR A 226 17.20 -19.31 -5.42
CA TYR A 226 16.57 -19.20 -6.73
C TYR A 226 17.50 -18.48 -7.70
N SER A 227 17.69 -19.07 -8.88
CA SER A 227 18.48 -18.42 -9.92
C SER A 227 17.70 -17.30 -10.60
N GLU A 228 16.38 -17.38 -10.62
CA GLU A 228 15.54 -16.39 -11.26
C GLU A 228 14.54 -15.84 -10.27
N VAL A 229 14.45 -14.52 -10.20
CA VAL A 229 13.50 -13.80 -9.37
C VAL A 229 12.73 -12.85 -10.26
N TRP A 230 11.40 -12.82 -10.11
CA TRP A 230 10.54 -12.06 -11.00
C TRP A 230 9.81 -10.96 -10.24
N ALA A 231 9.65 -9.81 -10.90
CA ALA A 231 8.84 -8.72 -10.40
C ALA A 231 7.69 -8.46 -11.36
N LEU A 232 6.51 -8.19 -10.82
CA LEU A 232 5.38 -7.79 -11.65
C LEU A 232 4.48 -6.86 -10.85
N ASP A 233 3.64 -6.14 -11.58
CA ASP A 233 2.72 -5.18 -10.99
C ASP A 233 1.33 -5.41 -11.56
N TYR A 234 0.33 -5.06 -10.78
CA TYR A 234 -1.06 -5.11 -11.24
C TYR A 234 -1.50 -3.73 -11.68
N SER A 235 -2.31 -3.69 -12.73
CA SER A 235 -3.04 -2.48 -13.09
C SER A 235 -4.46 -2.61 -12.56
N ASN A 236 -4.89 -1.59 -11.79
CA ASN A 236 -6.24 -1.57 -11.20
C ASN A 236 -6.45 -2.75 -10.26
N PHE A 237 -5.43 -3.06 -9.46
CA PHE A 237 -5.53 -4.14 -8.48
C PHE A 237 -6.69 -3.91 -7.51
N ASP A 238 -6.87 -2.66 -7.07
CA ASP A 238 -7.89 -2.35 -6.07
C ASP A 238 -9.32 -2.48 -6.62
N SER A 239 -9.48 -2.59 -7.93
CA SER A 239 -10.80 -2.81 -8.53
C SER A 239 -11.01 -4.25 -8.99
N THR A 240 -9.94 -4.96 -9.35
CA THR A 240 -10.07 -6.27 -9.99
C THR A 240 -10.06 -7.43 -9.00
N ILE A 241 -9.79 -7.18 -7.72
CA ILE A 241 -9.78 -8.26 -6.73
C ILE A 241 -11.20 -8.80 -6.59
N PRO A 242 -11.41 -10.09 -6.81
CA PRO A 242 -12.76 -10.64 -6.70
C PRO A 242 -13.19 -10.87 -5.27
N SER A 243 -14.50 -10.76 -5.05
CA SER A 243 -15.07 -10.95 -3.73
C SER A 243 -14.71 -12.30 -3.15
N VAL A 244 -14.66 -13.34 -3.99
CA VAL A 244 -14.52 -14.70 -3.50
C VAL A 244 -13.20 -14.90 -2.76
N VAL A 245 -12.15 -14.18 -3.16
CA VAL A 245 -10.86 -14.32 -2.48
C VAL A 245 -10.94 -13.78 -1.05
N PHE A 246 -11.51 -12.57 -0.90
CA PHE A 246 -11.69 -12.00 0.43
C PHE A 246 -12.58 -12.88 1.30
N LYS A 247 -13.66 -13.40 0.72
CA LYS A 247 -14.59 -14.25 1.47
C LYS A 247 -13.87 -15.49 2.00
N LEU A 248 -13.07 -16.14 1.16
CA LEU A 248 -12.35 -17.33 1.60
C LEU A 248 -11.32 -16.99 2.67
N ILE A 249 -10.66 -15.84 2.54
CA ILE A 249 -9.70 -15.42 3.57
C ILE A 249 -10.42 -15.17 4.88
N GLY A 250 -11.61 -14.57 4.82
CA GLY A 250 -12.37 -14.31 6.04
C GLY A 250 -12.75 -15.58 6.77
N GLU A 251 -13.09 -16.64 6.04
CA GLU A 251 -13.46 -17.90 6.67
C GLU A 251 -12.26 -18.57 7.33
N GLU A 252 -11.07 -18.44 6.74
CA GLU A 252 -9.87 -18.97 7.39
C GLU A 252 -9.53 -18.17 8.64
N LEU A 253 -9.53 -16.84 8.54
CA LEU A 253 -9.22 -16.01 9.69
C LEU A 253 -10.26 -16.17 10.79
N ALA A 254 -11.50 -16.49 10.43
CA ALA A 254 -12.54 -16.72 11.44
C ALA A 254 -12.16 -17.86 12.37
N LYS A 255 -11.50 -18.90 11.83
CA LYS A 255 -11.09 -20.03 12.64
C LYS A 255 -9.83 -19.75 13.44
N ILE A 256 -9.03 -18.77 13.03
CA ILE A 256 -7.77 -18.47 13.69
C ILE A 256 -7.94 -17.44 14.81
N ILE A 257 -8.73 -16.40 14.58
CA ILE A 257 -8.85 -15.30 15.52
C ILE A 257 -9.85 -15.66 16.62
N GLN A 258 -9.39 -15.61 17.87
CA GLN A 258 -10.23 -15.94 19.02
C GLN A 258 -10.91 -14.67 19.52
N LEU A 259 -12.24 -14.68 19.55
CA LEU A 259 -13.00 -13.47 19.87
C LEU A 259 -13.34 -13.42 21.36
N PRO A 260 -13.34 -12.23 21.94
CA PRO A 260 -13.71 -12.09 23.35
C PRO A 260 -15.22 -12.14 23.51
N PRO A 261 -15.74 -12.27 24.73
CA PRO A 261 -17.19 -12.47 24.90
C PRO A 261 -18.04 -11.30 24.41
N SER A 262 -17.52 -10.08 24.43
CA SER A 262 -18.32 -8.91 24.08
C SER A 262 -18.53 -8.72 22.58
N ILE A 263 -18.01 -9.62 21.75
CA ILE A 263 -17.99 -9.45 20.30
C ILE A 263 -18.76 -10.61 19.68
N PRO A 264 -19.67 -10.36 18.74
CA PRO A 264 -20.43 -11.45 18.14
C PRO A 264 -19.51 -12.44 17.45
N PRO A 265 -19.90 -13.71 17.38
CA PRO A 265 -18.97 -14.75 16.92
C PRO A 265 -18.66 -14.69 15.43
N ASP A 266 -19.48 -14.00 14.63
CA ASP A 266 -19.23 -13.88 13.19
C ASP A 266 -18.65 -12.51 12.83
N ALA A 267 -18.08 -11.80 13.79
CA ALA A 267 -17.60 -10.43 13.53
C ALA A 267 -16.48 -10.41 12.50
N VAL A 268 -15.68 -11.46 12.46
CA VAL A 268 -14.57 -11.53 11.51
C VAL A 268 -15.10 -11.55 10.08
N GLN A 269 -16.00 -12.49 9.78
CA GLN A 269 -16.56 -12.57 8.44
C GLN A 269 -17.35 -11.31 8.09
N LYS A 270 -18.07 -10.74 9.06
CA LYS A 270 -18.88 -9.56 8.78
C LYS A 270 -18.01 -8.35 8.50
N TYR A 271 -16.88 -8.21 9.21
CA TYR A 271 -16.00 -7.08 8.93
C TYR A 271 -15.34 -7.23 7.56
N VAL A 272 -14.95 -8.45 7.19
CA VAL A 272 -14.37 -8.67 5.87
C VAL A 272 -15.42 -8.39 4.78
N GLN A 273 -16.69 -8.68 5.06
CA GLN A 273 -17.74 -8.35 4.11
C GLN A 273 -17.82 -6.84 3.89
N SER A 274 -17.63 -6.06 4.96
CA SER A 274 -17.62 -4.60 4.82
C SER A 274 -16.42 -4.11 4.01
N ILE A 275 -15.49 -4.99 3.67
CA ILE A 275 -14.35 -4.64 2.85
C ILE A 275 -14.60 -4.93 1.38
N TYR A 276 -15.15 -6.11 1.05
CA TYR A 276 -15.40 -6.45 -0.34
C TYR A 276 -16.80 -6.07 -0.82
N LEU A 277 -17.71 -5.72 0.09
CA LEU A 277 -19.02 -5.14 -0.24
C LEU A 277 -19.11 -3.83 0.53
N SER A 278 -18.40 -2.82 0.04
CA SER A 278 -18.11 -1.61 0.80
C SER A 278 -18.95 -0.44 0.31
N LYS A 279 -19.21 0.50 1.22
CA LYS A 279 -19.93 1.72 0.92
C LYS A 279 -18.95 2.88 0.74
N HIS A 280 -19.20 3.71 -0.28
CA HIS A 280 -18.30 4.80 -0.61
C HIS A 280 -19.09 6.08 -0.82
N VAL A 281 -18.43 7.22 -0.60
CA VAL A 281 -18.99 8.52 -0.92
C VAL A 281 -17.92 9.35 -1.62
N PHE A 282 -18.18 9.73 -2.87
CA PHE A 282 -17.28 10.54 -3.67
C PHE A 282 -18.00 11.84 -3.99
N GLY A 283 -17.77 12.86 -3.17
CA GLY A 283 -18.55 14.08 -3.31
C GLY A 283 -19.98 13.79 -2.88
N ASP A 284 -20.93 14.02 -3.78
CA ASP A 284 -22.32 13.67 -3.57
C ASP A 284 -22.71 12.38 -4.29
N GLN A 285 -21.72 11.59 -4.71
CA GLN A 285 -21.95 10.30 -5.35
C GLN A 285 -21.84 9.20 -4.30
N TRP A 286 -22.97 8.59 -3.97
CA TRP A 286 -23.03 7.51 -2.99
C TRP A 286 -23.21 6.19 -3.72
N TYR A 287 -22.35 5.22 -3.43
CA TYR A 287 -22.38 3.96 -4.15
C TYR A 287 -21.75 2.87 -3.29
N ILE A 288 -22.01 1.63 -3.69
CA ILE A 288 -21.46 0.45 -3.05
C ILE A 288 -20.61 -0.29 -4.07
N MET A 289 -19.41 -0.70 -3.68
CA MET A 289 -18.53 -1.48 -4.53
C MET A 289 -18.60 -2.94 -4.11
N LYS A 290 -18.99 -3.80 -5.04
CA LYS A 290 -18.98 -5.25 -4.85
C LYS A 290 -17.70 -5.78 -5.49
N GLY A 291 -16.78 -6.27 -4.67
CA GLY A 291 -15.46 -6.62 -5.13
C GLY A 291 -14.47 -5.49 -4.93
N GLY A 292 -13.18 -5.82 -5.08
CA GLY A 292 -12.11 -4.87 -4.82
C GLY A 292 -12.02 -4.50 -3.35
N ASN A 293 -11.14 -3.54 -3.05
CA ASN A 293 -10.93 -3.04 -1.69
C ASN A 293 -10.51 -1.58 -1.83
N PRO A 294 -11.08 -0.68 -1.03
CA PRO A 294 -10.52 0.68 -0.94
C PRO A 294 -9.01 0.67 -0.75
N SER A 295 -8.32 1.51 -1.52
CA SER A 295 -6.88 1.59 -1.50
C SER A 295 -6.40 2.60 -0.46
N CYS A 297 -4.78 1.82 3.42
CA CYS A 297 -4.61 1.72 4.86
C CYS A 297 -3.75 0.50 5.18
N VAL A 298 -3.14 0.54 6.37
CA VAL A 298 -2.17 -0.49 6.75
C VAL A 298 -2.86 -1.84 6.89
N GLY A 299 -4.06 -1.86 7.45
CA GLY A 299 -4.81 -3.11 7.56
C GLY A 299 -5.21 -3.66 6.20
N THR A 300 -5.63 -2.77 5.28
CA THR A 300 -5.98 -3.21 3.93
C THR A 300 -4.75 -3.70 3.17
N SER A 301 -3.58 -3.12 3.44
CA SER A 301 -2.37 -3.60 2.79
C SER A 301 -2.00 -4.99 3.28
N ILE A 302 -2.33 -5.32 4.54
CA ILE A 302 -2.06 -6.65 5.07
C ILE A 302 -2.95 -7.67 4.39
N LEU A 303 -4.26 -7.38 4.31
CA LEU A 303 -5.18 -8.29 3.64
C LEU A 303 -4.96 -8.32 2.13
N ASN A 304 -4.52 -7.20 1.54
CA ASN A 304 -4.19 -7.20 0.13
C ASN A 304 -2.99 -8.11 -0.16
N SER A 305 -2.00 -8.10 0.73
CA SER A 305 -0.86 -9.01 0.60
C SER A 305 -1.33 -10.46 0.56
N MET A 306 -2.20 -10.83 1.50
CA MET A 306 -2.73 -12.19 1.51
C MET A 306 -3.49 -12.48 0.24
N VAL A 307 -4.33 -11.55 -0.22
CA VAL A 307 -5.04 -11.71 -1.49
C VAL A 307 -4.06 -11.94 -2.62
N ASN A 308 -3.00 -11.14 -2.68
CA ASN A 308 -2.01 -11.28 -3.74
C ASN A 308 -1.32 -12.63 -3.67
N ASN A 309 -0.92 -13.07 -2.47
CA ASN A 309 -0.29 -14.38 -2.32
C ASN A 309 -1.21 -15.49 -2.81
N ILE A 310 -2.48 -15.45 -2.38
CA ILE A 310 -3.44 -16.48 -2.76
C ILE A 310 -3.62 -16.50 -4.28
N SER A 311 -3.79 -15.33 -4.89
CA SER A 311 -4.04 -15.26 -6.32
C SER A 311 -2.86 -15.81 -7.11
N LEU A 312 -1.64 -15.39 -6.76
CA LEU A 312 -0.45 -15.89 -7.45
C LEU A 312 -0.33 -17.41 -7.31
N LEU A 313 -0.53 -17.92 -6.10
CA LEU A 313 -0.45 -19.36 -5.88
C LEU A 313 -1.50 -20.10 -6.70
N SER A 314 -2.70 -19.52 -6.86
CA SER A 314 -3.72 -20.18 -7.66
C SER A 314 -3.33 -20.24 -9.13
N ALA A 315 -2.48 -19.32 -9.57
CA ALA A 315 -1.95 -19.36 -10.94
C ALA A 315 -0.83 -20.39 -11.07
N MET A 316 0.08 -20.43 -10.10
CA MET A 316 1.20 -21.37 -10.17
C MET A 316 0.73 -22.81 -9.98
N LEU A 317 -0.35 -23.02 -9.23
CA LEU A 317 -0.86 -24.36 -9.01
C LEU A 317 -1.35 -25.03 -10.28
N THR A 318 -1.67 -24.24 -11.32
CA THR A 318 -2.08 -24.81 -12.60
C THR A 318 -0.89 -25.17 -13.50
N HIS A 319 0.33 -24.83 -13.10
CA HIS A 319 1.50 -25.19 -13.90
C HIS A 319 1.88 -26.64 -13.65
N PRO A 320 2.14 -27.42 -14.70
CA PRO A 320 2.43 -28.85 -14.48
C PRO A 320 3.68 -29.11 -13.67
N ASP A 321 4.67 -28.23 -13.73
CA ASP A 321 5.95 -28.45 -13.06
C ASP A 321 6.08 -27.66 -11.76
N PHE A 322 4.99 -27.08 -11.26
CA PHE A 322 5.07 -26.30 -10.03
C PHE A 322 5.41 -27.20 -8.86
N ASP A 323 6.50 -26.89 -8.17
CA ASP A 323 6.87 -27.57 -6.94
C ASP A 323 6.22 -26.82 -5.78
N THR A 324 5.26 -27.46 -5.12
CA THR A 324 4.50 -26.79 -4.06
C THR A 324 5.34 -26.52 -2.81
N SER A 325 6.61 -26.91 -2.80
CA SER A 325 7.50 -26.65 -1.68
C SER A 325 8.67 -25.73 -2.01
N ALA A 326 8.90 -25.41 -3.28
CA ALA A 326 10.08 -24.62 -3.69
C ALA A 326 9.60 -23.32 -4.33
N TRP A 327 9.17 -22.38 -3.49
CA TRP A 327 8.69 -21.10 -3.98
C TRP A 327 8.74 -20.09 -2.84
N ARG A 328 8.83 -18.81 -3.20
CA ARG A 328 8.75 -17.73 -2.23
C ARG A 328 8.10 -16.53 -2.89
N ILE A 329 7.17 -15.89 -2.15
CA ILE A 329 6.47 -14.71 -2.62
C ILE A 329 6.69 -13.59 -1.61
N LEU A 330 6.85 -12.37 -2.10
CA LEU A 330 6.94 -11.18 -1.25
C LEU A 330 6.10 -10.08 -1.88
N CYS A 331 5.11 -9.60 -1.13
CA CYS A 331 4.11 -8.69 -1.65
C CYS A 331 4.00 -7.45 -0.77
N TYR A 332 3.78 -6.31 -1.42
CA TYR A 332 3.34 -5.09 -0.74
C TYR A 332 2.28 -4.45 -1.65
N GLY A 333 1.02 -4.61 -1.28
CA GLY A 333 -0.05 -4.12 -2.14
C GLY A 333 -0.11 -4.93 -3.42
N ASP A 334 -0.05 -4.24 -4.55
CA ASP A 334 0.01 -4.92 -5.83
C ASP A 334 1.45 -5.19 -6.27
N ASP A 335 2.43 -4.75 -5.50
CA ASP A 335 3.83 -4.99 -5.83
C ASP A 335 4.25 -6.38 -5.36
N VAL A 336 5.01 -7.09 -6.20
CA VAL A 336 5.26 -8.51 -6.02
C VAL A 336 6.67 -8.84 -6.45
N LEU A 337 7.34 -9.60 -5.60
CA LEU A 337 8.46 -10.43 -6.03
C LEU A 337 8.11 -11.89 -5.83
N TYR A 338 8.51 -12.75 -6.76
CA TYR A 338 8.30 -14.18 -6.57
C TYR A 338 9.42 -14.94 -7.26
N ALA A 339 9.62 -16.18 -6.81
CA ALA A 339 10.60 -17.07 -7.37
C ALA A 339 10.17 -18.50 -7.11
N THR A 340 10.31 -19.36 -8.11
CA THR A 340 9.97 -20.77 -8.00
C THR A 340 11.10 -21.61 -8.59
N VAL A 341 11.19 -22.85 -8.13
CA VAL A 341 12.10 -23.85 -8.70
C VAL A 341 11.27 -25.07 -9.07
N PRO A 342 11.10 -25.37 -10.37
CA PRO A 342 11.62 -24.63 -11.52
C PRO A 342 10.94 -23.27 -11.72
N SER A 343 11.61 -22.40 -12.48
CA SER A 343 11.15 -21.03 -12.63
C SER A 343 9.89 -20.99 -13.51
N ILE A 344 8.85 -20.31 -13.01
CA ILE A 344 7.62 -20.09 -13.76
C ILE A 344 7.66 -18.67 -14.30
N HIS A 345 7.58 -18.53 -15.61
CA HIS A 345 7.67 -17.22 -16.24
C HIS A 345 6.40 -16.42 -15.99
N PRO A 346 6.50 -15.11 -15.76
CA PRO A 346 5.29 -14.30 -15.56
C PRO A 346 4.36 -14.29 -16.75
N SER A 347 4.83 -14.70 -17.94
CA SER A 347 3.92 -14.91 -19.06
C SER A 347 2.83 -15.92 -18.70
N PHE A 348 3.22 -17.01 -18.03
CA PHE A 348 2.26 -18.04 -17.66
C PHE A 348 1.23 -17.50 -16.68
N ILE A 349 1.67 -16.74 -15.68
CA ILE A 349 0.74 -16.18 -14.70
C ILE A 349 -0.20 -15.18 -15.37
N ALA A 350 0.34 -14.35 -16.26
CA ALA A 350 -0.49 -13.38 -16.97
C ALA A 350 -1.58 -14.06 -17.79
N ASP A 351 -1.22 -15.15 -18.49
CA ASP A 351 -2.20 -15.83 -19.32
C ASP A 351 -3.27 -16.53 -18.49
N PHE A 352 -2.88 -17.11 -17.35
CA PHE A 352 -3.89 -17.70 -16.46
C PHE A 352 -4.84 -16.64 -15.91
N TYR A 353 -4.30 -15.48 -15.51
CA TYR A 353 -5.14 -14.41 -14.99
C TYR A 353 -6.15 -13.95 -16.03
N HIS A 354 -5.74 -13.87 -17.29
CA HIS A 354 -6.65 -13.41 -18.34
C HIS A 354 -7.82 -14.36 -18.55
N SER A 355 -7.59 -15.66 -18.34
CA SER A 355 -8.63 -16.65 -18.65
C SER A 355 -9.52 -16.98 -17.47
N GLN A 356 -9.10 -16.69 -16.24
CA GLN A 356 -9.85 -17.08 -15.06
C GLN A 356 -10.19 -15.94 -14.12
N THR A 357 -9.52 -14.79 -14.23
CA THR A 357 -9.77 -13.68 -13.32
C THR A 357 -9.96 -12.38 -14.09
N ASN A 358 -10.06 -11.28 -13.36
CA ASN A 358 -10.07 -9.93 -13.93
C ASN A 358 -8.72 -9.23 -13.77
N TYR A 359 -7.73 -9.91 -13.23
CA TYR A 359 -6.41 -9.31 -13.04
C TYR A 359 -5.73 -9.07 -14.38
N LYS A 360 -5.15 -7.88 -14.55
CA LYS A 360 -4.29 -7.57 -15.69
C LYS A 360 -2.92 -7.25 -15.12
N VAL A 361 -1.94 -8.11 -15.42
CA VAL A 361 -0.63 -8.04 -14.78
C VAL A 361 0.41 -7.63 -15.81
N THR A 362 1.39 -6.82 -15.37
CA THR A 362 2.39 -6.21 -16.25
C THR A 362 3.75 -6.17 -15.57
N PRO A 363 4.83 -5.92 -16.32
CA PRO A 363 6.14 -5.70 -15.69
C PRO A 363 6.13 -4.51 -14.76
N ALA A 364 7.10 -4.49 -13.84
CA ALA A 364 7.14 -3.51 -12.77
C ALA A 364 7.83 -2.20 -13.16
N ASP A 365 8.43 -2.12 -14.36
CA ASP A 365 9.22 -0.97 -14.76
C ASP A 365 8.67 -0.28 -16.00
N LYS A 366 7.35 -0.39 -16.22
CA LYS A 366 6.70 0.12 -17.44
C LYS A 366 7.36 -0.42 -18.69
N ALA A 367 7.85 -1.66 -18.62
CA ALA A 367 8.63 -2.26 -19.69
C ALA A 367 7.78 -2.87 -20.79
N SER A 368 6.47 -2.97 -20.59
CA SER A 368 5.51 -3.39 -21.61
C SER A 368 5.74 -4.83 -22.06
N THR A 369 6.72 -5.52 -21.48
CA THR A 369 7.01 -6.88 -21.88
C THR A 369 7.85 -7.55 -20.80
N PHE A 370 7.66 -8.86 -20.65
CA PHE A 370 8.50 -9.42 -19.59
C PHE A 370 9.83 -9.87 -20.16
N PRO A 371 10.92 -9.69 -19.41
CA PRO A 371 12.22 -10.15 -19.88
C PRO A 371 12.26 -11.67 -19.97
N GLU A 372 13.16 -12.16 -20.84
CA GLU A 372 13.32 -13.61 -21.00
C GLU A 372 13.83 -14.24 -19.71
N THR A 373 14.74 -13.57 -19.02
CA THR A 373 15.21 -14.01 -17.72
C THR A 373 15.30 -12.81 -16.78
N SER A 374 15.42 -13.10 -15.49
CA SER A 374 15.47 -12.04 -14.49
C SER A 374 16.06 -12.60 -13.20
N SER A 375 16.96 -11.83 -12.58
CA SER A 375 17.60 -12.23 -11.34
C SER A 375 17.30 -11.21 -10.25
N ILE A 376 17.78 -11.50 -9.03
CA ILE A 376 17.62 -10.58 -7.92
C ILE A 376 18.31 -9.25 -8.18
N HIS A 377 19.25 -9.20 -9.13
CA HIS A 377 19.96 -7.98 -9.44
C HIS A 377 19.25 -7.12 -10.48
N ASP A 378 18.36 -7.70 -11.28
CA ASP A 378 17.58 -6.94 -12.25
C ASP A 378 16.26 -6.43 -11.69
N VAL A 379 15.82 -7.00 -10.58
CA VAL A 379 14.46 -6.82 -10.09
C VAL A 379 14.35 -5.52 -9.32
N THR A 380 13.18 -4.88 -9.43
CA THR A 380 12.83 -3.72 -8.62
C THR A 380 11.63 -4.04 -7.75
N PHE A 381 11.65 -3.56 -6.51
CA PHE A 381 10.58 -3.78 -5.54
C PHE A 381 10.37 -2.48 -4.81
N LEU A 382 9.15 -1.95 -4.86
CA LEU A 382 8.84 -0.61 -4.33
C LEU A 382 9.78 0.43 -4.93
N LYS A 383 9.95 0.35 -6.25
CA LYS A 383 10.78 1.28 -7.04
C LYS A 383 12.26 1.21 -6.68
N ARG A 384 12.71 0.12 -6.03
CA ARG A 384 14.08 0.03 -5.56
C ARG A 384 14.76 -1.22 -6.08
N HIS A 385 16.01 -1.07 -6.52
CA HIS A 385 16.86 -2.21 -6.82
C HIS A 385 17.47 -2.77 -5.54
N PHE A 386 18.14 -3.92 -5.67
CA PHE A 386 18.93 -4.52 -4.60
C PHE A 386 20.39 -4.48 -5.04
N VAL A 387 21.20 -3.68 -4.33
CA VAL A 387 22.61 -3.51 -4.67
C VAL A 387 23.47 -3.79 -3.44
N PRO A 388 24.31 -4.82 -3.45
CA PRO A 388 25.19 -5.07 -2.31
C PRO A 388 26.17 -3.93 -2.08
N ASP A 389 26.51 -3.70 -0.81
CA ASP A 389 27.46 -2.65 -0.47
C ASP A 389 28.85 -3.02 -0.99
N GLU A 390 29.56 -2.01 -1.49
CA GLU A 390 30.86 -2.26 -2.11
C GLU A 390 31.88 -2.80 -1.11
N ARG A 391 31.76 -2.43 0.16
CA ARG A 391 32.73 -2.83 1.18
C ARG A 391 32.25 -3.98 2.04
N PHE A 392 30.95 -4.02 2.37
CA PHE A 392 30.34 -5.10 3.14
C PHE A 392 29.26 -5.74 2.26
N PRO A 393 29.64 -6.64 1.36
CA PRO A 393 28.70 -7.12 0.33
C PRO A 393 27.52 -7.91 0.88
N THR A 394 27.57 -8.39 2.12
CA THR A 394 26.43 -9.11 2.65
C THR A 394 25.25 -8.19 2.96
N TYR A 395 25.49 -6.88 3.03
CA TYR A 395 24.45 -5.91 3.33
C TYR A 395 24.05 -5.19 2.04
N ILE A 396 22.73 -5.00 1.87
CA ILE A 396 22.15 -4.68 0.59
C ILE A 396 21.49 -3.31 0.65
N HIS A 397 21.88 -2.42 -0.27
CA HIS A 397 21.32 -1.08 -0.38
C HIS A 397 19.98 -1.13 -1.12
N PRO A 398 18.96 -0.42 -0.62
CA PRO A 398 17.78 -0.15 -1.43
C PRO A 398 18.03 1.08 -2.30
N VAL A 399 18.18 0.84 -3.60
CA VAL A 399 18.54 1.90 -4.55
C VAL A 399 17.27 2.25 -5.33
N ILE A 400 16.63 3.35 -4.93
CA ILE A 400 15.41 3.79 -5.58
C ILE A 400 15.74 4.43 -6.91
N SER A 401 14.78 4.41 -7.83
CA SER A 401 14.98 5.02 -9.14
C SER A 401 15.30 6.51 -8.98
N PRO A 402 16.32 7.02 -9.66
CA PRO A 402 16.66 8.44 -9.49
C PRO A 402 15.52 9.39 -9.83
N GLU A 403 14.59 8.97 -10.70
CA GLU A 403 13.45 9.81 -11.05
C GLU A 403 12.61 10.15 -9.83
N THR A 404 12.60 9.27 -8.82
CA THR A 404 11.83 9.53 -7.61
C THR A 404 12.27 10.84 -6.95
N TYR A 405 13.54 10.94 -6.57
CA TYR A 405 13.99 12.14 -5.84
C TYR A 405 14.41 13.27 -6.75
N GLN A 406 14.68 13.01 -8.03
CA GLN A 406 14.94 14.10 -8.96
C GLN A 406 13.67 14.89 -9.26
N GLN A 407 12.54 14.20 -9.38
CA GLN A 407 11.29 14.89 -9.68
C GLN A 407 10.63 15.44 -8.43
N SER A 408 10.65 14.70 -7.32
CA SER A 408 9.95 15.13 -6.11
C SER A 408 10.53 16.41 -5.55
N VAL A 409 11.85 16.60 -5.69
CA VAL A 409 12.49 17.77 -5.10
C VAL A 409 12.03 19.07 -5.76
N MET A 410 11.46 18.98 -6.95
CA MET A 410 11.02 20.16 -7.70
C MET A 410 9.62 20.62 -7.30
N TRP A 411 9.02 19.99 -6.29
CA TRP A 411 7.68 20.35 -5.84
C TRP A 411 7.61 20.31 -4.33
N THR A 412 6.66 21.05 -3.79
CA THR A 412 6.45 21.11 -2.34
C THR A 412 4.96 21.23 -2.06
N ARG A 413 4.58 20.85 -0.85
CA ARG A 413 3.20 20.99 -0.39
C ARG A 413 3.01 22.20 0.52
N GLY A 414 4.04 23.01 0.73
CA GLY A 414 3.90 24.26 1.46
C GLY A 414 4.63 24.32 2.79
N GLY A 415 5.24 23.23 3.24
CA GLY A 415 5.99 23.25 4.47
C GLY A 415 7.35 23.90 4.26
N PRO A 416 8.21 23.85 5.29
CA PRO A 416 9.59 24.29 5.10
C PRO A 416 10.28 23.40 4.08
N PHE A 417 10.79 24.02 3.02
CA PHE A 417 11.34 23.26 1.90
C PHE A 417 12.52 22.39 2.33
N GLN A 418 13.24 22.81 3.37
CA GLN A 418 14.36 22.00 3.86
C GLN A 418 13.91 20.62 4.31
N ASP A 419 12.66 20.51 4.80
CA ASP A 419 12.14 19.21 5.17
C ASP A 419 11.99 18.30 3.95
N VAL A 420 11.67 18.87 2.79
CA VAL A 420 11.59 18.07 1.56
C VAL A 420 12.98 17.58 1.17
N ILE A 421 13.99 18.45 1.26
CA ILE A 421 15.35 18.06 0.90
C ILE A 421 15.87 17.00 1.86
N THR A 422 15.62 17.17 3.15
CA THR A 422 16.13 16.21 4.14
C THR A 422 15.57 14.81 3.90
N SER A 423 14.26 14.70 3.64
CA SER A 423 13.65 13.38 3.50
C SER A 423 14.10 12.68 2.22
N LEU A 424 14.45 13.45 1.18
CA LEU A 424 14.95 12.85 -0.05
C LEU A 424 16.41 12.42 0.05
N CYS A 425 17.18 13.05 0.94
CA CYS A 425 18.54 12.59 1.19
C CYS A 425 18.55 11.14 1.68
N TYR A 426 17.54 10.76 2.47
CA TYR A 426 17.46 9.38 2.96
C TYR A 426 17.28 8.38 1.83
N LEU A 427 16.75 8.81 0.68
CA LEU A 427 16.54 7.94 -0.46
C LEU A 427 17.73 7.96 -1.42
N ALA A 428 18.33 9.13 -1.63
CA ALA A 428 19.28 9.34 -2.71
C ALA A 428 20.69 8.87 -2.40
N HIS A 429 21.12 8.87 -1.13
CA HIS A 429 22.50 8.55 -0.83
C HIS A 429 22.85 7.10 -1.17
N HIS A 430 21.87 6.21 -1.24
CA HIS A 430 22.11 4.81 -1.57
C HIS A 430 22.65 4.60 -2.98
N ALA A 431 22.57 5.60 -3.84
CA ALA A 431 23.08 5.50 -5.20
C ALA A 431 24.60 5.57 -5.26
N GLY A 432 25.28 5.79 -4.13
CA GLY A 432 26.71 5.97 -4.13
C GLY A 432 27.08 7.40 -3.77
N PRO A 433 28.28 7.58 -3.18
CA PRO A 433 28.65 8.91 -2.68
C PRO A 433 28.66 9.99 -3.75
N ASN A 434 29.10 9.67 -4.98
CA ASN A 434 29.22 10.71 -6.00
C ASN A 434 27.98 10.86 -6.86
N ASN A 435 27.14 9.83 -6.96
CA ASN A 435 25.82 10.03 -7.53
C ASN A 435 24.96 10.86 -6.58
N TYR A 436 25.10 10.64 -5.28
CA TYR A 436 24.46 11.49 -4.29
C TYR A 436 24.93 12.93 -4.42
N GLN A 437 26.24 13.13 -4.59
CA GLN A 437 26.78 14.48 -4.69
C GLN A 437 26.27 15.18 -5.94
N LYS A 438 26.14 14.44 -7.06
CA LYS A 438 25.65 15.05 -8.29
C LYS A 438 24.23 15.57 -8.12
N TRP A 439 23.38 14.80 -7.45
CA TRP A 439 22.02 15.26 -7.16
C TRP A 439 22.05 16.49 -6.26
N CYS A 440 22.86 16.45 -5.19
CA CYS A 440 22.94 17.59 -4.28
C CYS A 440 23.44 18.84 -5.00
N ASP A 441 24.47 18.71 -5.83
CA ASP A 441 25.03 19.86 -6.51
C ASP A 441 24.05 20.47 -7.51
N THR A 442 23.33 19.62 -8.25
CA THR A 442 22.36 20.12 -9.21
C THR A 442 21.20 20.82 -8.51
N VAL A 443 20.73 20.26 -7.40
CA VAL A 443 19.63 20.87 -6.66
C VAL A 443 20.09 22.20 -6.05
N GLN A 444 21.33 22.25 -5.55
CA GLN A 444 21.81 23.47 -4.90
C GLN A 444 21.95 24.62 -5.89
N ALA A 445 22.41 24.33 -7.11
CA ALA A 445 22.59 25.39 -8.10
C ALA A 445 21.25 26.01 -8.48
N GLN A 446 20.21 25.17 -8.64
CA GLN A 446 18.89 25.69 -8.98
C GLN A 446 18.30 26.47 -7.80
N CYS A 447 18.45 25.95 -6.59
CA CYS A 447 17.92 26.63 -5.41
C CYS A 447 18.56 28.01 -5.24
N LEU A 448 19.85 28.12 -5.56
CA LEU A 448 20.54 29.40 -5.43
C LEU A 448 19.88 30.48 -6.27
N LYS A 449 19.42 30.13 -7.48
CA LYS A 449 18.74 31.09 -8.34
C LYS A 449 17.39 31.52 -7.77
N SER A 450 16.81 30.71 -6.88
CA SER A 450 15.51 30.99 -6.29
C SER A 450 15.61 31.62 -4.91
N GLY A 451 16.81 31.91 -4.43
CA GLY A 451 16.97 32.52 -3.12
C GLY A 451 16.89 31.57 -1.95
N PHE A 452 17.14 30.29 -2.17
CA PHE A 452 17.09 29.29 -1.10
C PHE A 452 18.42 28.58 -0.99
N GLU A 453 18.89 28.40 0.25
CA GLU A 453 20.15 27.72 0.53
C GLU A 453 19.86 26.35 1.15
N PRO A 454 19.85 25.28 0.37
CA PRO A 454 19.61 23.95 0.94
C PRO A 454 20.83 23.43 1.68
N ILE A 455 20.56 22.66 2.74
CA ILE A 455 21.58 21.98 3.52
C ILE A 455 21.34 20.49 3.38
N PHE A 456 22.33 19.76 2.87
CA PHE A 456 22.21 18.33 2.66
C PHE A 456 22.90 17.55 3.77
N ILE A 457 22.26 16.48 4.22
CA ILE A 457 22.89 15.58 5.19
C ILE A 457 24.17 15.02 4.58
N PRO A 458 25.32 15.12 5.25
CA PRO A 458 26.56 14.62 4.64
C PRO A 458 26.49 13.11 4.41
N TYR A 459 27.13 12.68 3.31
CA TYR A 459 27.09 11.27 2.95
C TYR A 459 27.63 10.39 4.07
N GLU A 460 28.68 10.85 4.76
CA GLU A 460 29.27 10.05 5.82
C GLU A 460 28.28 9.79 6.96
N VAL A 461 27.40 10.75 7.22
CA VAL A 461 26.36 10.56 8.25
C VAL A 461 25.36 9.50 7.79
N LEU A 462 24.91 9.58 6.55
CA LEU A 462 23.90 8.65 6.07
C LEU A 462 24.46 7.24 5.94
N GLN A 463 25.69 7.12 5.43
CA GLN A 463 26.27 5.79 5.25
C GLN A 463 26.60 5.16 6.59
N TYR A 464 27.12 5.93 7.55
CA TYR A 464 27.39 5.38 8.87
C TYR A 464 26.11 4.89 9.53
N ARG A 465 25.07 5.72 9.54
CA ARG A 465 23.84 5.34 10.21
C ARG A 465 23.16 4.15 9.52
N TRP A 466 23.31 4.02 8.21
CA TRP A 466 22.76 2.85 7.53
C TRP A 466 23.50 1.58 7.97
N LEU A 467 24.84 1.62 7.95
CA LEU A 467 25.62 0.46 8.39
C LEU A 467 25.30 0.11 9.83
N ALA A 468 25.05 1.12 10.67
CA ALA A 468 24.75 0.86 12.07
C ALA A 468 23.43 0.11 12.23
N THR A 469 22.39 0.54 11.52
CA THR A 469 21.09 -0.10 11.71
C THR A 469 21.04 -1.48 11.07
N VAL A 470 21.76 -1.68 9.97
CA VAL A 470 21.74 -2.95 9.24
C VAL A 470 22.62 -3.94 9.97
N MET A 471 23.17 -3.51 11.10
CA MET A 471 24.01 -4.25 12.04
C MET A 471 25.44 -4.39 11.52
N THR A 472 25.78 -3.79 10.38
CA THR A 472 27.12 -3.85 9.76
C THR A 472 27.88 -5.17 9.94
#